data_7AKC
#
_entry.id   7AKC
#
_cell.length_a   94.029
_cell.length_b   94.029
_cell.length_c   73.236
_cell.angle_alpha   90.00
_cell.angle_beta   90.00
_cell.angle_gamma   90.00
#
_symmetry.space_group_name_H-M   'P 42 21 2'
#
loop_
_entity.id
_entity.type
_entity.pdbx_description
1 polymer 'Phenolpthiocerol synthesis type-I polyketide synthase ppsA'
2 non-polymer 'SODIUM ION'
3 water water
#
_entity_poly.entity_id   1
_entity_poly.type   'polypeptide(L)'
_entity_poly.pdbx_seq_one_letter_code
;MGSSHHHHHHSSNPAEGSPGPGTVFVYSGRGSQWAGMGRQLLADEPAFAAAVAELEPVFVEQAGFSLHDVLANGEELVGI
EQIQLGLIGMQLALTELWCSYGVQPDLVIGHSMGEVAAAVVAGALTPAEGLRVTATRSRLMAPLSGQGGMALLELDAPTT
EALIADFPQVTLGIYNSPRQTVIAGPTEQIDELITRVRARDRFASRVNIEVAPHNPAMDALQPAMRSELADLTPRTPTIG
IISTTYADLHTQPVFDAEHWATNMRNPVHFQQAIASAGSGADGAYHTFIEISAHPLLTQAIIDTLHSAQPGARYTSLGTL
QRDTDDVVTFRTNLNKAHTIHPPHGS
;
_entity_poly.pdbx_strand_id   A
#
# COMPACT_ATOMS: atom_id res chain seq x y z
N PRO A 21 16.71 -11.43 -14.97
CA PRO A 21 15.27 -11.57 -14.67
C PRO A 21 14.63 -10.35 -14.03
N GLY A 22 15.34 -9.63 -13.17
CA GLY A 22 14.82 -8.44 -12.51
C GLY A 22 14.18 -8.72 -11.16
N THR A 23 14.51 -7.91 -10.12
CA THR A 23 14.05 -8.06 -8.75
C THR A 23 13.33 -6.83 -8.21
N VAL A 24 12.11 -7.03 -7.75
CA VAL A 24 11.30 -5.94 -7.21
C VAL A 24 11.13 -6.12 -5.74
N PHE A 25 11.28 -5.05 -4.96
CA PHE A 25 11.03 -5.13 -3.52
C PHE A 25 9.69 -4.47 -3.31
N VAL A 26 8.78 -5.16 -2.62
CA VAL A 26 7.43 -4.67 -2.37
C VAL A 26 7.26 -4.34 -0.89
N TYR A 27 6.82 -3.10 -0.59
CA TYR A 27 6.66 -2.64 0.77
C TYR A 27 5.18 -2.51 1.08
N SER A 28 4.68 -3.33 2.00
CA SER A 28 3.25 -3.29 2.33
C SER A 28 2.94 -2.09 3.24
N GLY A 29 1.66 -1.69 3.28
CA GLY A 29 1.20 -0.58 4.10
C GLY A 29 1.03 -0.87 5.57
N ARG A 30 0.26 -1.91 5.89
CA ARG A 30 0.06 -2.30 7.28
C ARG A 30 0.31 -3.80 7.36
N GLY A 31 1.58 -4.18 7.35
CA GLY A 31 1.94 -5.58 7.47
C GLY A 31 1.78 -6.06 8.91
N SER A 32 2.00 -7.37 9.12
CA SER A 32 1.91 -7.92 10.48
C SER A 32 3.03 -7.34 11.35
N GLN A 33 2.75 -7.17 12.63
CA GLN A 33 3.68 -6.65 13.64
C GLN A 33 3.35 -7.31 14.99
N TRP A 34 4.35 -7.46 15.89
CA TRP A 34 4.16 -8.16 17.17
C TRP A 34 5.25 -7.84 18.24
N GLY A 74 11.74 -7.32 22.44
CA GLY A 74 10.43 -7.64 21.90
C GLY A 74 9.34 -6.98 22.71
N GLU A 75 9.31 -5.64 22.72
CA GLU A 75 8.29 -4.92 23.46
C GLU A 75 7.15 -4.54 22.55
N GLU A 76 5.95 -4.45 23.11
CA GLU A 76 4.76 -4.15 22.33
C GLU A 76 4.78 -2.72 21.77
N LEU A 77 4.43 -2.58 20.49
CA LEU A 77 4.29 -1.30 19.81
C LEU A 77 2.83 -0.93 19.98
N VAL A 78 2.57 0.26 20.54
CA VAL A 78 1.20 0.66 20.87
C VAL A 78 0.75 1.91 20.12
N GLY A 79 -0.38 1.81 19.41
CA GLY A 79 -0.91 2.96 18.68
C GLY A 79 -0.36 3.12 17.28
N ILE A 80 -1.14 3.76 16.37
CA ILE A 80 -0.74 3.94 14.96
C ILE A 80 0.66 4.52 14.81
N GLU A 81 1.01 5.60 15.55
CA GLU A 81 2.33 6.20 15.41
C GLU A 81 3.47 5.18 15.70
N GLN A 82 3.47 4.56 16.89
CA GLN A 82 4.48 3.55 17.23
C GLN A 82 4.46 2.38 16.25
N ILE A 83 3.27 1.82 15.93
CA ILE A 83 3.18 0.68 15.01
C ILE A 83 3.76 1.01 13.62
N GLN A 84 3.37 2.15 13.04
CA GLN A 84 3.87 2.53 11.70
C GLN A 84 5.38 2.80 11.72
N LEU A 85 5.94 3.29 12.84
CA LEU A 85 7.37 3.52 12.96
C LEU A 85 8.17 2.21 13.05
N GLY A 86 7.64 1.23 13.80
CA GLY A 86 8.26 -0.09 13.85
C GLY A 86 8.17 -0.77 12.49
N LEU A 87 7.04 -0.57 11.77
CA LEU A 87 6.92 -1.15 10.42
C LEU A 87 7.99 -0.63 9.46
N ILE A 88 8.11 0.71 9.28
CA ILE A 88 9.15 1.25 8.37
C ILE A 88 10.58 0.98 8.88
N GLY A 89 10.77 0.89 10.20
CA GLY A 89 12.08 0.58 10.76
C GLY A 89 12.51 -0.82 10.34
N MET A 90 11.57 -1.77 10.46
CA MET A 90 11.74 -3.17 10.09
C MET A 90 11.92 -3.30 8.58
N GLN A 91 11.18 -2.51 7.77
CA GLN A 91 11.31 -2.53 6.31
C GLN A 91 12.71 -2.07 5.86
N LEU A 92 13.19 -0.94 6.41
CA LEU A 92 14.50 -0.40 6.08
C LEU A 92 15.64 -1.32 6.53
N ALA A 93 15.49 -1.98 7.69
CA ALA A 93 16.54 -2.89 8.16
C ALA A 93 16.54 -4.23 7.43
N LEU A 94 15.35 -4.74 7.08
CA LEU A 94 15.26 -5.99 6.32
C LEU A 94 15.79 -5.77 4.91
N THR A 95 15.53 -4.59 4.30
CA THR A 95 16.04 -4.24 2.98
C THR A 95 17.58 -4.30 2.96
N GLU A 96 18.25 -3.79 4.02
CA GLU A 96 19.72 -3.83 4.06
C GLU A 96 20.27 -5.24 4.34
N LEU A 97 19.48 -6.08 5.03
CA LEU A 97 19.85 -7.48 5.27
C LEU A 97 19.86 -8.23 3.94
N TRP A 98 18.87 -7.97 3.06
CA TRP A 98 18.80 -8.61 1.73
C TRP A 98 20.05 -8.24 0.92
N CYS A 99 20.41 -6.94 0.91
CA CYS A 99 21.57 -6.36 0.23
C CYS A 99 22.88 -7.02 0.64
N SER A 100 22.97 -7.41 1.92
CA SER A 100 24.16 -8.07 2.47
C SER A 100 24.35 -9.48 1.91
N TYR A 101 23.26 -10.16 1.56
CA TYR A 101 23.32 -11.48 0.94
C TYR A 101 23.21 -11.33 -0.62
N GLY A 102 23.77 -10.24 -1.17
CA GLY A 102 23.79 -9.95 -2.60
C GLY A 102 22.49 -9.64 -3.32
N VAL A 103 21.35 -9.72 -2.64
CA VAL A 103 20.07 -9.48 -3.26
C VAL A 103 19.66 -8.01 -3.14
N GLN A 104 19.56 -7.31 -4.28
CA GLN A 104 19.21 -5.89 -4.27
C GLN A 104 18.08 -5.56 -5.29
N PRO A 105 17.23 -4.56 -4.99
CA PRO A 105 16.12 -4.27 -5.90
C PRO A 105 16.50 -3.43 -7.10
N ASP A 106 16.01 -3.81 -8.25
CA ASP A 106 16.12 -3.02 -9.46
C ASP A 106 14.92 -2.04 -9.56
N LEU A 107 13.87 -2.26 -8.75
CA LEU A 107 12.66 -1.50 -8.75
C LEU A 107 11.95 -1.72 -7.41
N VAL A 108 11.26 -0.71 -6.94
CA VAL A 108 10.47 -0.84 -5.72
C VAL A 108 9.02 -0.47 -5.95
N ILE A 109 8.09 -1.11 -5.20
CA ILE A 109 6.68 -0.80 -5.25
C ILE A 109 6.22 -0.75 -3.82
N GLY A 110 5.61 0.36 -3.44
CA GLY A 110 5.07 0.53 -2.09
C GLY A 110 3.56 0.49 -2.19
N HIS A 111 2.93 -0.30 -1.33
CA HIS A 111 1.49 -0.51 -1.21
C HIS A 111 0.98 0.34 -0.04
N SER A 112 -0.01 1.22 -0.30
CA SER A 112 -0.61 2.06 0.71
C SER A 112 0.48 2.87 1.51
N MET A 113 0.45 2.84 2.83
CA MET A 113 1.42 3.51 3.67
C MET A 113 2.88 3.05 3.41
N GLY A 114 3.06 1.91 2.74
CA GLY A 114 4.35 1.35 2.38
C GLY A 114 5.10 2.13 1.32
N GLU A 115 4.42 3.04 0.60
CA GLU A 115 5.07 3.86 -0.44
C GLU A 115 6.11 4.80 0.18
N VAL A 116 5.97 5.18 1.47
CA VAL A 116 7.01 6.00 2.12
C VAL A 116 8.33 5.22 2.15
N ALA A 117 8.29 3.96 2.63
CA ALA A 117 9.52 3.16 2.72
C ALA A 117 10.12 2.87 1.36
N ALA A 118 9.26 2.67 0.35
CA ALA A 118 9.68 2.42 -1.02
C ALA A 118 10.34 3.68 -1.56
N ALA A 119 9.79 4.87 -1.29
CA ALA A 119 10.42 6.13 -1.71
C ALA A 119 11.78 6.30 -1.06
N VAL A 120 11.94 5.85 0.20
CA VAL A 120 13.24 5.94 0.88
C VAL A 120 14.25 5.00 0.22
N VAL A 121 13.86 3.73 -0.01
CA VAL A 121 14.76 2.74 -0.62
C VAL A 121 15.15 3.12 -2.05
N ALA A 122 14.24 3.78 -2.78
CA ALA A 122 14.51 4.25 -4.13
C ALA A 122 15.42 5.50 -4.17
N GLY A 123 15.63 6.17 -3.04
CA GLY A 123 16.46 7.36 -2.98
C GLY A 123 15.71 8.67 -3.13
N ALA A 124 14.37 8.63 -3.26
CA ALA A 124 13.61 9.88 -3.41
C ALA A 124 13.57 10.69 -2.13
N LEU A 125 13.61 10.00 -0.99
CA LEU A 125 13.64 10.61 0.33
C LEU A 125 14.71 9.92 1.14
N THR A 126 15.26 10.64 2.12
CA THR A 126 16.26 10.14 3.07
C THR A 126 15.52 9.31 4.14
N PRO A 127 16.24 8.43 4.88
CA PRO A 127 15.57 7.67 5.96
C PRO A 127 14.92 8.57 6.99
N ALA A 128 15.55 9.71 7.32
CA ALA A 128 14.99 10.63 8.29
C ALA A 128 13.73 11.28 7.74
N GLU A 129 13.72 11.65 6.45
CA GLU A 129 12.56 12.25 5.79
C GLU A 129 11.40 11.27 5.72
N GLY A 130 11.68 9.99 5.49
CA GLY A 130 10.67 8.95 5.46
C GLY A 130 10.03 8.80 6.83
N LEU A 131 10.87 8.76 7.88
CA LEU A 131 10.38 8.69 9.25
C LEU A 131 9.58 9.93 9.64
N ARG A 132 9.92 11.09 9.06
CA ARG A 132 9.22 12.34 9.34
C ARG A 132 7.85 12.29 8.68
N VAL A 133 7.76 11.78 7.43
CA VAL A 133 6.46 11.63 6.78
C VAL A 133 5.59 10.65 7.59
N THR A 134 6.21 9.54 8.04
CA THR A 134 5.53 8.51 8.81
C THR A 134 4.96 9.06 10.09
N ALA A 135 5.78 9.78 10.89
CA ALA A 135 5.33 10.37 12.14
C ALA A 135 4.31 11.47 11.93
N THR A 136 4.51 12.36 10.94
CA THR A 136 3.56 13.45 10.67
C THR A 136 2.18 12.90 10.29
N ARG A 137 2.14 12.02 9.30
CA ARG A 137 0.91 11.37 8.85
C ARG A 137 0.24 10.56 9.97
N SER A 138 1.01 9.73 10.70
N SER A 138 1.00 9.73 10.70
CA SER A 138 0.44 8.91 11.79
CA SER A 138 0.42 8.91 11.77
C SER A 138 -0.20 9.75 12.89
C SER A 138 -0.21 9.76 12.88
N ARG A 139 0.41 10.89 13.24
CA ARG A 139 -0.10 11.79 14.27
C ARG A 139 -1.42 12.42 13.78
N LEU A 140 -1.48 12.80 12.47
CA LEU A 140 -2.72 13.35 11.92
C LEU A 140 -3.85 12.33 11.84
N MET A 141 -3.50 11.06 11.66
CA MET A 141 -4.52 9.99 11.47
C MET A 141 -4.99 9.45 12.83
N ALA A 142 -4.14 9.54 13.86
CA ALA A 142 -4.48 8.95 15.14
C ALA A 142 -5.86 9.33 15.71
N PRO A 143 -6.35 10.59 15.65
CA PRO A 143 -7.66 10.89 16.25
C PRO A 143 -8.82 10.13 15.56
N LEU A 144 -8.54 9.48 14.42
CA LEU A 144 -9.58 8.71 13.67
C LEU A 144 -9.47 7.23 14.02
N SER A 145 -8.63 6.88 15.01
CA SER A 145 -8.44 5.50 15.39
C SER A 145 -9.78 4.79 15.68
N GLY A 146 -9.98 3.67 15.03
CA GLY A 146 -11.17 2.86 15.24
C GLY A 146 -12.43 3.24 14.51
N GLN A 147 -12.46 4.40 13.86
CA GLN A 147 -13.68 4.86 13.17
C GLN A 147 -13.91 4.18 11.83
N GLY A 148 -12.82 3.92 11.11
CA GLY A 148 -12.93 3.35 9.77
C GLY A 148 -12.42 1.94 9.71
N GLY A 149 -12.91 1.20 8.75
CA GLY A 149 -12.51 -0.17 8.55
C GLY A 149 -12.34 -0.45 7.07
N MET A 150 -11.81 -1.62 6.78
CA MET A 150 -11.63 -2.07 5.40
C MET A 150 -12.20 -3.46 5.23
N ALA A 151 -12.53 -3.85 4.01
CA ALA A 151 -13.01 -5.22 3.77
C ALA A 151 -12.41 -5.70 2.47
N LEU A 152 -11.94 -6.94 2.46
CA LEU A 152 -11.41 -7.61 1.29
C LEU A 152 -12.59 -8.32 0.66
N LEU A 153 -12.95 -7.94 -0.57
CA LEU A 153 -14.08 -8.54 -1.25
C LEU A 153 -13.60 -9.41 -2.41
N GLU A 154 -14.23 -10.58 -2.61
CA GLU A 154 -13.90 -11.42 -3.75
C GLU A 154 -14.82 -10.99 -4.91
N LEU A 155 -14.61 -9.74 -5.33
CA LEU A 155 -15.30 -9.10 -6.45
C LEU A 155 -14.28 -8.34 -7.25
N ASP A 156 -14.54 -8.24 -8.58
CA ASP A 156 -13.68 -7.43 -9.40
C ASP A 156 -13.96 -5.91 -9.13
N ALA A 157 -13.09 -5.00 -9.66
CA ALA A 157 -13.25 -3.59 -9.34
C ALA A 157 -14.57 -2.98 -9.87
N PRO A 158 -15.06 -3.34 -11.07
CA PRO A 158 -16.31 -2.71 -11.55
C PRO A 158 -17.51 -3.17 -10.70
N THR A 159 -17.52 -4.44 -10.29
CA THR A 159 -18.63 -4.95 -9.45
C THR A 159 -18.56 -4.29 -8.05
N THR A 160 -17.33 -4.09 -7.54
CA THR A 160 -17.15 -3.40 -6.27
C THR A 160 -17.67 -1.96 -6.37
N GLU A 161 -17.28 -1.22 -7.45
CA GLU A 161 -17.73 0.17 -7.59
C GLU A 161 -19.26 0.23 -7.62
N ALA A 162 -19.87 -0.74 -8.26
CA ALA A 162 -21.33 -0.79 -8.37
C ALA A 162 -21.93 -1.06 -6.98
N LEU A 163 -21.36 -1.99 -6.22
CA LEU A 163 -21.85 -2.28 -4.87
C LEU A 163 -21.83 -1.03 -3.94
N ILE A 164 -20.75 -0.23 -4.05
CA ILE A 164 -20.60 0.89 -3.11
C ILE A 164 -21.02 2.24 -3.69
N ALA A 165 -21.59 2.27 -4.89
CA ALA A 165 -21.95 3.53 -5.54
C ALA A 165 -22.96 4.33 -4.71
N ASP A 166 -23.84 3.64 -3.95
CA ASP A 166 -24.80 4.37 -3.13
C ASP A 166 -24.33 4.58 -1.69
N PHE A 167 -23.06 4.36 -1.37
CA PHE A 167 -22.52 4.59 -0.02
C PHE A 167 -21.54 5.72 -0.17
N PRO A 168 -21.97 6.99 0.00
CA PRO A 168 -21.04 8.12 -0.24
C PRO A 168 -19.76 8.10 0.55
N GLN A 169 -19.80 7.47 1.75
CA GLN A 169 -18.61 7.44 2.60
C GLN A 169 -17.72 6.21 2.43
N VAL A 170 -18.11 5.27 1.55
CA VAL A 170 -17.31 4.07 1.30
C VAL A 170 -16.75 4.16 -0.10
N THR A 171 -15.43 3.96 -0.23
CA THR A 171 -14.81 3.98 -1.55
C THR A 171 -13.95 2.76 -1.77
N LEU A 172 -13.58 2.53 -3.03
CA LEU A 172 -12.68 1.46 -3.38
C LEU A 172 -11.32 1.94 -2.87
N GLY A 173 -10.76 1.19 -1.94
CA GLY A 173 -9.51 1.53 -1.28
C GLY A 173 -8.28 0.93 -1.94
N ILE A 174 -8.32 -0.37 -2.31
CA ILE A 174 -7.13 -1.02 -2.90
C ILE A 174 -7.51 -1.96 -4.01
N TYR A 175 -6.77 -1.83 -5.17
CA TYR A 175 -6.95 -2.76 -6.27
C TYR A 175 -5.94 -3.88 -6.00
N ASN A 176 -6.37 -4.95 -5.32
CA ASN A 176 -5.45 -6.05 -4.98
C ASN A 176 -5.01 -6.83 -6.17
N SER A 177 -6.00 -7.35 -6.90
CA SER A 177 -5.78 -8.20 -8.04
C SER A 177 -7.14 -8.22 -8.80
N PRO A 178 -7.20 -8.82 -9.97
CA PRO A 178 -8.42 -8.74 -10.78
C PRO A 178 -9.71 -9.15 -10.08
N ARG A 179 -9.66 -10.15 -9.22
CA ARG A 179 -10.85 -10.67 -8.55
C ARG A 179 -10.91 -10.35 -7.06
N GLN A 180 -10.03 -9.46 -6.57
CA GLN A 180 -9.99 -9.13 -5.14
C GLN A 180 -9.87 -7.63 -5.03
N THR A 181 -10.81 -7.01 -4.29
CA THR A 181 -10.79 -5.56 -4.15
C THR A 181 -11.06 -5.19 -2.71
N VAL A 182 -10.33 -4.21 -2.17
CA VAL A 182 -10.56 -3.77 -0.80
C VAL A 182 -11.36 -2.48 -0.79
N ILE A 183 -12.40 -2.40 0.03
CA ILE A 183 -13.19 -1.17 0.21
C ILE A 183 -12.81 -0.55 1.60
N ALA A 184 -13.06 0.74 1.77
CA ALA A 184 -12.70 1.43 2.98
C ALA A 184 -13.74 2.50 3.29
N GLY A 185 -14.00 2.67 4.57
CA GLY A 185 -14.99 3.65 5.01
C GLY A 185 -15.36 3.41 6.48
N PRO A 186 -16.43 4.08 6.96
CA PRO A 186 -16.83 3.91 8.36
C PRO A 186 -17.03 2.42 8.73
N THR A 187 -16.47 1.96 9.87
N THR A 187 -16.49 1.98 9.90
CA THR A 187 -16.52 0.54 10.21
CA THR A 187 -16.54 0.57 10.33
C THR A 187 -17.93 -0.09 10.14
C THR A 187 -17.92 -0.07 10.17
N GLU A 188 -18.95 0.64 10.61
CA GLU A 188 -20.32 0.10 10.60
C GLU A 188 -20.87 -0.05 9.19
N GLN A 189 -20.42 0.84 8.24
CA GLN A 189 -20.81 0.72 6.84
C GLN A 189 -20.10 -0.45 6.17
N ILE A 190 -18.82 -0.65 6.51
CA ILE A 190 -18.04 -1.80 6.03
C ILE A 190 -18.69 -3.11 6.48
N ASP A 191 -19.21 -3.17 7.74
CA ASP A 191 -19.88 -4.33 8.24
C ASP A 191 -21.16 -4.59 7.42
N GLU A 192 -21.93 -3.51 7.11
CA GLU A 192 -23.19 -3.71 6.37
C GLU A 192 -22.87 -4.25 4.97
N LEU A 193 -21.78 -3.74 4.37
CA LEU A 193 -21.40 -4.17 3.01
C LEU A 193 -20.91 -5.62 2.99
N ILE A 194 -20.20 -6.06 4.04
CA ILE A 194 -19.76 -7.46 4.16
C ILE A 194 -20.98 -8.39 4.18
N THR A 195 -22.02 -8.00 4.93
CA THR A 195 -23.28 -8.73 5.00
C THR A 195 -23.95 -8.79 3.62
N ARG A 196 -24.00 -7.64 2.90
CA ARG A 196 -24.64 -7.63 1.58
C ARG A 196 -23.88 -8.54 0.61
N VAL A 197 -22.54 -8.52 0.68
CA VAL A 197 -21.72 -9.33 -0.25
C VAL A 197 -22.00 -10.81 0.06
N ARG A 198 -22.01 -11.18 1.33
CA ARG A 198 -22.31 -12.56 1.74
C ARG A 198 -23.71 -13.02 1.35
N ALA A 199 -24.68 -12.09 1.42
CA ALA A 199 -26.07 -12.39 1.07
C ALA A 199 -26.24 -12.68 -0.42
N ARG A 200 -25.29 -12.22 -1.25
CA ARG A 200 -25.23 -12.47 -2.68
C ARG A 200 -24.49 -13.77 -3.00
N ASP A 201 -24.23 -14.63 -1.99
CA ASP A 201 -23.45 -15.86 -2.15
C ASP A 201 -22.05 -15.53 -2.69
N ARG A 202 -21.48 -14.45 -2.14
CA ARG A 202 -20.18 -13.95 -2.51
C ARG A 202 -19.31 -13.85 -1.25
N PHE A 203 -17.99 -13.69 -1.40
CA PHE A 203 -17.09 -13.68 -0.23
C PHE A 203 -16.51 -12.32 0.16
N ALA A 204 -16.42 -12.09 1.46
CA ALA A 204 -15.94 -10.84 2.00
C ALA A 204 -15.37 -11.06 3.39
N SER A 205 -14.34 -10.28 3.77
CA SER A 205 -13.76 -10.40 5.11
C SER A 205 -13.22 -9.08 5.60
N ARG A 206 -13.29 -8.84 6.91
CA ARG A 206 -12.76 -7.62 7.50
C ARG A 206 -11.25 -7.57 7.45
N VAL A 207 -10.70 -6.40 7.19
CA VAL A 207 -9.26 -6.19 7.23
C VAL A 207 -9.08 -5.22 8.40
N ASN A 208 -8.65 -5.72 9.57
CA ASN A 208 -8.50 -4.84 10.74
C ASN A 208 -7.28 -3.94 10.61
N ILE A 209 -7.44 -2.62 10.89
CA ILE A 209 -6.41 -1.59 10.73
C ILE A 209 -6.61 -0.47 11.76
N GLU A 210 -5.53 0.14 12.26
CA GLU A 210 -5.61 1.20 13.28
C GLU A 210 -6.47 2.36 12.80
N VAL A 211 -6.20 2.81 11.58
CA VAL A 211 -6.96 3.92 10.94
C VAL A 211 -7.06 3.55 9.46
N ALA A 212 -8.27 3.63 8.91
CA ALA A 212 -8.47 3.27 7.51
C ALA A 212 -8.16 4.45 6.60
N PRO A 213 -7.13 4.34 5.73
CA PRO A 213 -6.87 5.37 4.78
C PRO A 213 -7.64 5.08 3.48
N HIS A 214 -7.34 5.81 2.42
CA HIS A 214 -7.92 5.53 1.07
C HIS A 214 -9.43 5.65 1.06
N ASN A 215 -9.95 6.66 1.75
CA ASN A 215 -11.41 6.90 1.80
C ASN A 215 -11.65 8.37 2.16
N PRO A 216 -12.87 8.92 1.98
CA PRO A 216 -13.13 10.34 2.22
C PRO A 216 -12.79 10.90 3.61
N ALA A 217 -12.62 10.04 4.59
CA ALA A 217 -12.25 10.50 5.95
C ALA A 217 -10.85 11.12 5.94
N MET A 218 -10.04 10.78 4.92
CA MET A 218 -8.69 11.36 4.80
C MET A 218 -8.72 12.77 4.21
N ASP A 219 -9.83 13.19 3.59
CA ASP A 219 -9.87 14.51 2.93
C ASP A 219 -9.51 15.61 3.94
N ALA A 220 -10.06 15.50 5.14
CA ALA A 220 -9.86 16.55 6.17
C ALA A 220 -8.42 16.64 6.67
N LEU A 221 -7.60 15.61 6.47
CA LEU A 221 -6.20 15.59 6.94
C LEU A 221 -5.24 16.10 5.86
N GLN A 222 -5.72 16.29 4.64
CA GLN A 222 -4.82 16.68 3.53
C GLN A 222 -4.28 18.11 3.74
N PRO A 223 -5.06 19.15 4.17
CA PRO A 223 -4.43 20.46 4.37
C PRO A 223 -3.29 20.42 5.38
N ALA A 224 -3.47 19.68 6.48
CA ALA A 224 -2.44 19.53 7.52
C ALA A 224 -1.19 18.87 6.93
N MET A 225 -1.38 17.83 6.09
CA MET A 225 -0.27 17.15 5.44
C MET A 225 0.51 18.10 4.56
N ARG A 226 -0.20 18.86 3.71
CA ARG A 226 0.48 19.78 2.79
C ARG A 226 1.23 20.87 3.56
N SER A 227 0.72 21.27 4.73
CA SER A 227 1.35 22.30 5.57
C SER A 227 2.55 21.81 6.38
N GLU A 228 2.41 20.69 7.11
CA GLU A 228 3.45 20.15 7.99
C GLU A 228 4.64 19.53 7.26
N LEU A 229 4.46 19.17 5.99
CA LEU A 229 5.53 18.59 5.18
C LEU A 229 5.97 19.54 4.04
N ALA A 230 5.63 20.85 4.12
CA ALA A 230 5.98 21.85 3.11
C ALA A 230 7.44 21.89 2.72
N ASP A 231 8.35 21.78 3.70
CA ASP A 231 9.78 21.84 3.40
C ASP A 231 10.43 20.52 3.01
N LEU A 232 9.65 19.51 2.59
CA LEU A 232 10.25 18.25 2.13
C LEU A 232 11.02 18.50 0.86
N THR A 233 12.24 17.95 0.76
CA THR A 233 13.04 18.13 -0.44
C THR A 233 13.32 16.80 -1.10
N PRO A 234 12.32 16.27 -1.82
CA PRO A 234 12.54 15.01 -2.51
C PRO A 234 13.50 15.17 -3.67
N ARG A 235 14.15 14.08 -4.00
CA ARG A 235 15.10 14.04 -5.10
C ARG A 235 14.62 13.04 -6.17
N THR A 236 15.28 13.01 -7.32
CA THR A 236 15.00 12.03 -8.37
C THR A 236 15.49 10.69 -7.80
N PRO A 237 14.66 9.65 -7.85
CA PRO A 237 15.09 8.35 -7.32
C PRO A 237 16.29 7.76 -8.08
N THR A 238 17.18 7.13 -7.32
CA THR A 238 18.34 6.44 -7.83
C THR A 238 17.95 5.03 -8.33
N ILE A 239 16.90 4.43 -7.78
CA ILE A 239 16.38 3.14 -8.20
C ILE A 239 14.96 3.37 -8.72
N GLY A 240 14.54 2.61 -9.73
CA GLY A 240 13.19 2.74 -10.26
C GLY A 240 12.10 2.50 -9.22
N ILE A 241 11.00 3.23 -9.32
CA ILE A 241 9.87 3.08 -8.43
C ILE A 241 8.60 3.28 -9.24
N ILE A 242 7.65 2.39 -9.03
CA ILE A 242 6.33 2.54 -9.59
C ILE A 242 5.43 2.93 -8.43
N SER A 243 4.87 4.13 -8.49
CA SER A 243 3.94 4.56 -7.44
C SER A 243 2.60 3.85 -7.59
N THR A 244 1.94 3.59 -6.48
CA THR A 244 0.59 3.04 -6.47
C THR A 244 -0.44 4.17 -6.19
N THR A 245 0.00 5.42 -6.14
CA THR A 245 -0.85 6.55 -5.84
C THR A 245 -1.81 6.97 -6.95
N TYR A 246 -1.32 6.94 -8.18
CA TYR A 246 -2.10 7.46 -9.33
C TYR A 246 -2.56 6.37 -10.29
N ALA A 247 -3.74 6.59 -10.87
CA ALA A 247 -4.26 5.65 -11.88
C ALA A 247 -3.34 5.68 -13.12
N ASP A 248 -2.76 6.85 -13.42
CA ASP A 248 -1.84 6.98 -14.57
C ASP A 248 -0.44 6.70 -14.05
N LEU A 249 0.13 5.57 -14.44
CA LEU A 249 1.45 5.18 -13.89
C LEU A 249 2.56 6.00 -14.53
N HIS A 250 2.24 6.79 -15.56
CA HIS A 250 3.26 7.67 -16.19
C HIS A 250 3.17 9.07 -15.61
N THR A 251 2.40 9.24 -14.53
CA THR A 251 2.42 10.52 -13.82
C THR A 251 3.71 10.42 -13.02
N GLN A 252 4.82 10.90 -13.57
CA GLN A 252 6.13 10.78 -12.88
C GLN A 252 6.02 11.65 -11.64
N PRO A 253 5.85 11.08 -10.43
CA PRO A 253 5.60 11.89 -9.26
C PRO A 253 6.80 12.46 -8.51
N VAL A 254 6.64 13.67 -7.99
CA VAL A 254 7.64 14.24 -7.11
C VAL A 254 7.14 13.78 -5.75
N PHE A 255 7.99 13.11 -4.96
CA PHE A 255 7.56 12.58 -3.67
C PHE A 255 7.48 13.64 -2.56
N ASP A 256 6.74 14.73 -2.82
CA ASP A 256 6.61 15.88 -1.91
C ASP A 256 5.35 15.80 -1.03
N ALA A 257 5.07 16.88 -0.26
CA ALA A 257 3.90 17.01 0.62
C ALA A 257 2.59 16.69 -0.10
N GLU A 258 2.41 17.24 -1.33
CA GLU A 258 1.23 17.03 -2.16
C GLU A 258 1.09 15.55 -2.48
N HIS A 259 2.21 14.87 -2.85
CA HIS A 259 2.21 13.44 -3.10
C HIS A 259 1.74 12.66 -1.86
N TRP A 260 2.27 12.94 -0.66
CA TRP A 260 1.85 12.17 0.54
C TRP A 260 0.42 12.45 0.97
N ALA A 261 -0.05 13.71 0.80
CA ALA A 261 -1.47 14.07 1.08
C ALA A 261 -2.39 13.33 0.08
N THR A 262 -1.96 13.23 -1.18
CA THR A 262 -2.75 12.56 -2.20
C THR A 262 -2.76 11.05 -2.00
N ASN A 263 -1.59 10.49 -1.70
CA ASN A 263 -1.39 9.05 -1.50
C ASN A 263 -2.27 8.46 -0.39
N MET A 264 -2.44 9.22 0.69
CA MET A 264 -3.25 8.73 1.83
C MET A 264 -4.75 8.69 1.49
N ARG A 265 -5.21 9.47 0.53
CA ARG A 265 -6.65 9.53 0.17
C ARG A 265 -6.95 8.65 -1.04
N ASN A 266 -6.10 8.71 -2.07
CA ASN A 266 -6.40 7.98 -3.30
C ASN A 266 -6.46 6.49 -3.08
N PRO A 267 -7.19 5.77 -3.95
CA PRO A 267 -7.08 4.31 -3.93
C PRO A 267 -5.61 3.87 -4.16
N VAL A 268 -5.31 2.66 -3.76
CA VAL A 268 -3.95 2.08 -3.91
C VAL A 268 -3.97 1.24 -5.19
N HIS A 269 -3.26 1.70 -6.23
CA HIS A 269 -3.24 1.05 -7.56
C HIS A 269 -2.22 -0.07 -7.59
N PHE A 270 -2.37 -1.04 -6.68
CA PHE A 270 -1.38 -2.11 -6.50
C PHE A 270 -1.35 -3.05 -7.66
N GLN A 271 -2.54 -3.61 -8.06
CA GLN A 271 -2.56 -4.48 -9.23
C GLN A 271 -1.90 -3.83 -10.48
N GLN A 272 -2.22 -2.56 -10.72
CA GLN A 272 -1.71 -1.84 -11.88
C GLN A 272 -0.22 -1.68 -11.81
N ALA A 273 0.36 -1.38 -10.62
CA ALA A 273 1.81 -1.24 -10.51
C ALA A 273 2.51 -2.60 -10.70
N ILE A 274 1.99 -3.68 -10.08
CA ILE A 274 2.58 -5.01 -10.25
C ILE A 274 2.53 -5.44 -11.74
N ALA A 275 1.38 -5.26 -12.38
CA ALA A 275 1.21 -5.62 -13.80
C ALA A 275 2.20 -4.87 -14.68
N SER A 276 2.45 -3.59 -14.35
CA SER A 276 3.40 -2.79 -15.16
C SER A 276 4.80 -3.35 -14.97
N ALA A 277 5.17 -3.65 -13.72
CA ALA A 277 6.50 -4.23 -13.44
C ALA A 277 6.66 -5.56 -14.18
N GLY A 278 5.63 -6.41 -14.15
CA GLY A 278 5.69 -7.71 -14.82
C GLY A 278 5.70 -7.63 -16.34
N SER A 279 5.23 -6.51 -16.90
CA SER A 279 5.11 -6.28 -18.33
C SER A 279 6.48 -5.97 -18.96
N GLY A 280 6.72 -6.36 -20.21
CA GLY A 280 7.96 -5.96 -20.88
C GLY A 280 8.07 -4.44 -21.09
N ALA A 281 6.95 -3.71 -20.98
CA ALA A 281 6.97 -2.24 -21.14
C ALA A 281 7.75 -1.66 -19.97
N ASP A 282 8.75 -0.78 -20.29
CA ASP A 282 9.71 -0.18 -19.37
C ASP A 282 10.62 -1.26 -18.75
N GLY A 283 10.68 -2.45 -19.35
CA GLY A 283 11.46 -3.56 -18.81
C GLY A 283 10.62 -4.46 -17.92
N ALA A 284 10.76 -5.75 -18.09
CA ALA A 284 10.03 -6.72 -17.27
C ALA A 284 10.86 -7.24 -16.10
N TYR A 285 10.20 -7.41 -14.95
CA TYR A 285 10.80 -7.93 -13.73
C TYR A 285 10.10 -9.24 -13.40
N HIS A 286 10.87 -10.27 -12.95
CA HIS A 286 10.26 -11.57 -12.72
C HIS A 286 10.33 -12.06 -11.27
N THR A 287 11.03 -11.35 -10.37
CA THR A 287 11.07 -11.78 -8.96
C THR A 287 10.53 -10.67 -8.11
N PHE A 288 9.54 -10.98 -7.26
CA PHE A 288 8.93 -9.98 -6.40
C PHE A 288 9.15 -10.43 -4.97
N ILE A 289 9.75 -9.58 -4.16
CA ILE A 289 10.06 -9.89 -2.78
C ILE A 289 9.35 -8.90 -1.90
N GLU A 290 8.43 -9.39 -1.09
CA GLU A 290 7.72 -8.55 -0.12
C GLU A 290 8.68 -8.38 1.06
N ILE A 291 9.00 -7.13 1.43
CA ILE A 291 9.92 -6.86 2.53
C ILE A 291 9.11 -6.66 3.79
N SER A 292 8.77 -7.75 4.47
CA SER A 292 7.91 -7.68 5.65
C SER A 292 8.20 -8.78 6.65
N ALA A 293 7.61 -8.70 7.84
CA ALA A 293 7.76 -9.71 8.89
C ALA A 293 6.86 -10.95 8.64
N HIS A 294 5.92 -10.90 7.65
CA HIS A 294 4.98 -11.97 7.30
C HIS A 294 4.34 -11.67 5.93
N PRO A 295 4.39 -12.63 4.98
CA PRO A 295 3.86 -12.37 3.63
C PRO A 295 2.35 -12.29 3.53
N LEU A 296 1.83 -11.14 3.14
CA LEU A 296 0.39 -10.93 3.01
C LEU A 296 -0.04 -10.55 1.57
N LEU A 297 0.90 -10.06 0.76
CA LEU A 297 0.61 -9.64 -0.61
C LEU A 297 1.08 -10.65 -1.66
N THR A 298 1.74 -11.78 -1.25
CA THR A 298 2.29 -12.68 -2.26
C THR A 298 1.24 -13.27 -3.20
N GLN A 299 0.08 -13.71 -2.69
CA GLN A 299 -0.94 -14.26 -3.59
C GLN A 299 -1.53 -13.18 -4.50
N ALA A 300 -1.67 -11.93 -4.02
CA ALA A 300 -2.15 -10.82 -4.87
C ALA A 300 -1.19 -10.57 -6.01
N ILE A 301 0.13 -10.66 -5.73
CA ILE A 301 1.13 -10.46 -6.77
C ILE A 301 0.98 -11.50 -7.87
N ILE A 302 0.94 -12.79 -7.48
CA ILE A 302 0.80 -13.91 -8.41
C ILE A 302 -0.50 -13.84 -9.18
N ASP A 303 -1.63 -13.56 -8.49
CA ASP A 303 -2.92 -13.48 -9.16
C ASP A 303 -2.90 -12.40 -10.24
N THR A 304 -2.33 -11.23 -9.95
CA THR A 304 -2.23 -10.13 -10.94
C THR A 304 -1.37 -10.55 -12.15
N LEU A 305 -0.20 -11.13 -11.88
CA LEU A 305 0.74 -11.48 -12.93
C LEU A 305 0.29 -12.63 -13.79
N HIS A 306 -0.36 -13.63 -13.18
CA HIS A 306 -0.87 -14.76 -13.95
C HIS A 306 -2.04 -14.31 -14.82
N SER A 307 -2.87 -13.39 -14.31
CA SER A 307 -3.99 -12.91 -15.11
C SER A 307 -3.49 -12.07 -16.32
N ALA A 308 -2.57 -11.12 -16.08
CA ALA A 308 -2.05 -10.22 -17.13
C ALA A 308 -1.09 -10.88 -18.14
N GLN A 309 -0.21 -11.77 -17.68
CA GLN A 309 0.74 -12.46 -18.59
C GLN A 309 0.65 -13.96 -18.27
N PRO A 310 -0.36 -14.65 -18.83
CA PRO A 310 -0.60 -16.05 -18.42
C PRO A 310 0.45 -17.10 -18.76
N GLY A 311 1.29 -16.84 -19.76
CA GLY A 311 2.34 -17.79 -20.12
C GLY A 311 3.71 -17.44 -19.55
N ALA A 312 3.75 -16.47 -18.62
CA ALA A 312 5.00 -16.00 -18.08
C ALA A 312 5.33 -16.63 -16.74
N ARG A 313 6.61 -16.74 -16.46
CA ARG A 313 7.08 -17.31 -15.22
C ARG A 313 7.45 -16.20 -14.25
N TYR A 314 6.86 -16.21 -13.05
CA TYR A 314 7.16 -15.25 -12.00
C TYR A 314 7.41 -15.96 -10.67
N THR A 315 8.21 -15.36 -9.81
CA THR A 315 8.46 -15.88 -8.48
C THR A 315 8.05 -14.80 -7.48
N SER A 316 7.25 -15.15 -6.49
CA SER A 316 6.80 -14.20 -5.48
C SER A 316 7.14 -14.77 -4.13
N LEU A 317 7.88 -14.02 -3.31
CA LEU A 317 8.26 -14.51 -1.98
C LEU A 317 8.30 -13.41 -0.91
N GLY A 318 8.31 -13.83 0.35
CA GLY A 318 8.39 -12.92 1.47
C GLY A 318 9.80 -12.83 2.03
N THR A 319 9.96 -12.09 3.14
CA THR A 319 11.24 -11.90 3.82
C THR A 319 11.27 -12.73 5.11
N LEU A 320 10.24 -12.56 5.96
CA LEU A 320 10.09 -13.31 7.21
C LEU A 320 8.68 -13.93 7.28
N GLN A 321 8.46 -14.87 8.21
CA GLN A 321 7.16 -15.51 8.38
C GLN A 321 6.91 -15.75 9.85
N ARG A 322 5.76 -15.31 10.36
CA ARG A 322 5.38 -15.48 11.76
C ARG A 322 5.24 -16.96 12.15
#